data_1MY6
#
_entry.id   1MY6
#
_cell.length_a   51.749
_cell.length_b   63.644
_cell.length_c   74.709
_cell.angle_alpha   90.00
_cell.angle_beta   110.45
_cell.angle_gamma   90.00
#
_symmetry.space_group_name_H-M   'P 1 21 1'
#
loop_
_entity.id
_entity.type
_entity.pdbx_description
1 polymer 'Iron (III) Superoxide Dismutase'
2 non-polymer 'FE (III) ION'
3 water water
#
_entity_poly.entity_id   1
_entity_poly.type   'polypeptide(L)'
_entity_poly.pdbx_seq_one_letter_code
;AFVQEPLPFDPGALEPYGMSAKTLEFHYGKHHKGYVDNLNKLTQDTELADKSLEDVIRTTYGDAAKVGIFNNAAQVWNHT
FFWNSLKPGGGGVPTGDVAARINSAFGSYDEFKAQFKNAAATQFGSGWAWLVLEAGTLKVTKTANAENPLVHGQVPLLTI
DVWEHAYYLDYQNRRPDFIDNFLNQLVNWDFVAKNLAAA
;
_entity_poly.pdbx_strand_id   A,B
#
# COMPACT_ATOMS: atom_id res chain seq x y z
N ALA A 1 9.86 6.02 -27.18
CA ALA A 1 9.28 6.41 -25.88
C ALA A 1 10.11 5.79 -24.73
N PHE A 2 9.71 6.00 -23.47
CA PHE A 2 10.28 5.24 -22.34
C PHE A 2 10.10 3.74 -22.60
N VAL A 3 11.17 2.98 -22.37
CA VAL A 3 11.13 1.53 -22.50
C VAL A 3 11.52 0.91 -21.16
N GLN A 4 10.80 -0.13 -20.78
CA GLN A 4 11.06 -0.85 -19.56
C GLN A 4 12.40 -1.53 -19.69
N GLU A 5 13.30 -1.20 -18.78
CA GLU A 5 14.61 -1.84 -18.79
C GLU A 5 14.44 -3.34 -18.55
N PRO A 6 15.10 -4.19 -19.33
CA PRO A 6 15.07 -5.62 -19.03
C PRO A 6 15.54 -5.96 -17.59
N LEU A 7 14.95 -7.01 -17.08
CA LEU A 7 15.30 -7.54 -15.79
C LEU A 7 16.76 -7.97 -15.93
N PRO A 8 17.60 -7.74 -14.92
CA PRO A 8 19.04 -8.11 -14.98
C PRO A 8 19.35 -9.56 -14.75
N PHE A 9 18.33 -10.39 -14.69
CA PHE A 9 18.44 -11.84 -14.53
C PHE A 9 17.16 -12.46 -15.10
N ASP A 10 17.21 -13.74 -15.38
CA ASP A 10 16.02 -14.50 -15.78
C ASP A 10 14.95 -14.40 -14.69
N PRO A 11 13.68 -14.22 -15.04
CA PRO A 11 12.63 -14.02 -14.03
C PRO A 11 12.33 -15.17 -13.08
N GLY A 12 12.80 -16.36 -13.39
CA GLY A 12 12.69 -17.51 -12.52
C GLY A 12 13.95 -17.73 -11.67
N ALA A 13 14.98 -16.88 -11.84
CA ALA A 13 16.30 -17.19 -11.25
C ALA A 13 16.34 -16.92 -9.74
N LEU A 14 15.41 -16.13 -9.24
CA LEU A 14 15.34 -15.87 -7.81
C LEU A 14 14.53 -16.86 -6.99
N GLU A 15 13.88 -17.81 -7.65
CA GLU A 15 13.01 -18.74 -6.96
C GLU A 15 13.71 -19.55 -5.86
N PRO A 16 14.92 -20.07 -6.08
CA PRO A 16 15.65 -20.72 -4.99
C PRO A 16 16.07 -19.79 -3.87
N TYR A 17 15.98 -18.49 -4.11
CA TYR A 17 16.46 -17.43 -3.19
C TYR A 17 15.31 -16.63 -2.57
N GLY A 18 14.09 -17.16 -2.57
CA GLY A 18 13.02 -16.52 -1.84
C GLY A 18 12.17 -15.48 -2.57
N MET A 19 12.29 -15.39 -3.90
CA MET A 19 11.36 -14.59 -4.70
C MET A 19 10.90 -15.35 -5.91
N SER A 20 9.60 -15.62 -5.99
CA SER A 20 9.05 -16.57 -6.92
C SER A 20 9.02 -16.05 -8.36
N ALA A 21 9.00 -16.98 -9.29
CA ALA A 21 8.80 -16.63 -10.67
C ALA A 21 7.46 -15.94 -10.87
N LYS A 22 6.43 -16.38 -10.15
CA LYS A 22 5.09 -15.74 -10.25
C LYS A 22 5.20 -14.29 -9.76
N THR A 23 5.89 -14.08 -8.66
CA THR A 23 6.11 -12.68 -8.24
C THR A 23 6.73 -11.83 -9.37
N LEU A 24 7.77 -12.31 -10.05
CA LEU A 24 8.39 -11.54 -11.10
C LEU A 24 7.44 -11.32 -12.28
N GLU A 25 6.67 -12.33 -12.64
CA GLU A 25 5.64 -12.20 -13.67
C GLU A 25 4.73 -11.01 -13.40
N PHE A 26 4.17 -10.92 -12.19
CA PHE A 26 3.23 -9.87 -11.87
C PHE A 26 3.97 -8.60 -11.59
N HIS A 27 5.06 -8.63 -10.83
CA HIS A 27 5.64 -7.38 -10.36
C HIS A 27 6.38 -6.62 -11.49
N TYR A 28 7.17 -7.35 -12.26
CA TYR A 28 7.85 -6.79 -13.41
C TYR A 28 6.92 -6.73 -14.65
N GLY A 29 6.25 -7.84 -14.94
CA GLY A 29 5.43 -7.99 -16.14
C GLY A 29 4.16 -7.15 -16.17
N LYS A 30 3.58 -6.87 -15.01
CA LYS A 30 2.32 -6.15 -14.93
C LYS A 30 2.51 -4.83 -14.22
N HIS A 31 3.02 -4.81 -12.99
CA HIS A 31 3.08 -3.53 -12.27
C HIS A 31 4.07 -2.59 -12.92
N HIS A 32 5.31 -3.03 -13.06
CA HIS A 32 6.38 -2.17 -13.58
C HIS A 32 6.08 -1.72 -15.02
N LYS A 33 5.66 -2.65 -15.87
CA LYS A 33 5.29 -2.33 -17.23
C LYS A 33 4.11 -1.35 -17.24
N GLY A 34 3.16 -1.54 -16.33
CA GLY A 34 2.04 -0.64 -16.21
C GLY A 34 2.48 0.80 -15.94
N TYR A 35 3.47 0.99 -15.06
CA TYR A 35 3.97 2.30 -14.78
C TYR A 35 4.64 2.93 -16.00
N VAL A 36 5.39 2.14 -16.78
CA VAL A 36 5.99 2.62 -18.01
C VAL A 36 4.92 3.12 -18.96
N ASP A 37 3.86 2.33 -19.12
CA ASP A 37 2.74 2.62 -20.02
C ASP A 37 2.07 3.94 -19.62
N ASN A 38 1.78 4.12 -18.33
CA ASN A 38 1.13 5.34 -17.88
C ASN A 38 2.02 6.54 -17.97
N LEU A 39 3.31 6.35 -17.71
CA LEU A 39 4.29 7.39 -17.93
C LEU A 39 4.30 7.80 -19.39
N ASN A 40 4.26 6.82 -20.28
CA ASN A 40 4.30 7.14 -21.72
C ASN A 40 2.99 7.84 -22.13
N LYS A 41 1.85 7.34 -21.63
CA LYS A 41 0.56 7.96 -21.97
C LYS A 41 0.52 9.42 -21.59
N LEU A 42 1.08 9.75 -20.44
CA LEU A 42 1.07 11.10 -19.88
C LEU A 42 2.21 12.02 -20.32
N THR A 43 3.21 11.50 -21.04
CA THR A 43 4.36 12.31 -21.45
C THR A 43 4.66 12.35 -22.94
N GLN A 44 4.22 11.39 -23.74
CA GLN A 44 4.69 11.35 -25.14
C GLN A 44 4.20 12.52 -26.03
N ASP A 45 3.20 13.27 -25.57
CA ASP A 45 2.74 14.46 -26.32
C ASP A 45 3.46 15.76 -25.93
N THR A 46 4.36 15.66 -24.96
CA THR A 46 4.80 16.81 -24.18
C THR A 46 6.30 17.01 -24.23
N GLU A 47 6.74 18.05 -23.53
CA GLU A 47 8.16 18.38 -23.41
C GLU A 47 8.96 17.33 -22.62
N LEU A 48 8.29 16.54 -21.79
CA LEU A 48 8.97 15.55 -20.95
C LEU A 48 9.27 14.22 -21.65
N ALA A 49 8.85 14.10 -22.90
CA ALA A 49 9.14 12.90 -23.69
C ALA A 49 10.65 12.81 -23.92
N ASP A 50 11.30 13.96 -24.03
CA ASP A 50 12.72 14.02 -24.37
C ASP A 50 13.65 13.89 -23.16
N LYS A 51 13.09 13.63 -21.98
CA LYS A 51 13.79 13.86 -20.72
C LYS A 51 14.08 12.55 -19.99
N SER A 52 15.17 12.53 -19.22
CA SER A 52 15.52 11.31 -18.47
C SER A 52 14.53 11.04 -17.33
N LEU A 53 14.45 9.79 -16.86
CA LEU A 53 13.57 9.47 -15.75
C LEU A 53 13.87 10.42 -14.59
N GLU A 54 15.16 10.57 -14.30
CA GLU A 54 15.58 11.34 -13.15
C GLU A 54 15.15 12.79 -13.23
N ASP A 55 15.28 13.39 -14.40
CA ASP A 55 14.86 14.77 -14.62
C ASP A 55 13.33 14.93 -14.54
N VAL A 56 12.58 13.96 -15.08
CA VAL A 56 11.11 13.96 -14.98
C VAL A 56 10.73 13.97 -13.49
N ILE A 57 11.37 13.06 -12.73
CA ILE A 57 11.10 12.96 -11.29
C ILE A 57 11.36 14.28 -10.57
N ARG A 58 12.54 14.85 -10.76
CA ARG A 58 12.92 16.05 -10.06
C ARG A 58 12.11 17.27 -10.52
N THR A 59 11.76 17.32 -11.79
CA THR A 59 10.96 18.42 -12.35
C THR A 59 9.53 18.39 -11.78
N THR A 60 8.93 17.20 -11.70
CA THR A 60 7.50 17.07 -11.38
C THR A 60 7.20 16.90 -9.91
N TYR A 61 8.22 16.64 -9.10
CA TYR A 61 8.07 16.50 -7.66
C TYR A 61 7.56 17.80 -7.04
N GLY A 62 6.56 17.67 -6.18
CA GLY A 62 5.96 18.78 -5.47
C GLY A 62 4.97 19.60 -6.30
N ASP A 63 4.72 19.18 -7.54
CA ASP A 63 3.88 19.93 -8.47
C ASP A 63 2.49 19.31 -8.44
N ALA A 64 1.58 20.01 -7.76
CA ALA A 64 0.22 19.52 -7.58
C ALA A 64 -0.48 19.21 -8.89
N ALA A 65 -0.02 19.76 -10.00
CA ALA A 65 -0.67 19.48 -11.28
C ALA A 65 -0.07 18.31 -12.04
N LYS A 66 1.01 17.71 -11.53
CA LYS A 66 1.72 16.70 -12.29
C LYS A 66 1.95 15.43 -11.45
N VAL A 67 1.00 15.12 -10.58
CA VAL A 67 1.15 14.01 -9.63
C VAL A 67 1.20 12.68 -10.36
N GLY A 68 0.42 12.53 -11.42
CA GLY A 68 0.39 11.32 -12.20
C GLY A 68 1.74 11.04 -12.85
N ILE A 69 2.32 12.05 -13.46
CA ILE A 69 3.60 11.94 -14.12
C ILE A 69 4.66 11.59 -13.08
N PHE A 70 4.62 12.29 -11.94
CA PHE A 70 5.59 12.05 -10.87
C PHE A 70 5.50 10.62 -10.39
N ASN A 71 4.30 10.21 -10.02
CA ASN A 71 4.12 8.88 -9.43
C ASN A 71 4.58 7.78 -10.37
N ASN A 72 4.22 7.87 -11.63
CA ASN A 72 4.63 6.88 -12.63
C ASN A 72 6.12 6.91 -12.94
N ALA A 73 6.69 8.11 -13.11
CA ALA A 73 8.12 8.18 -13.41
C ALA A 73 8.94 7.66 -12.24
N ALA A 74 8.59 8.09 -11.04
CA ALA A 74 9.27 7.65 -9.83
C ALA A 74 9.14 6.12 -9.71
N GLN A 75 7.95 5.55 -9.96
CA GLN A 75 7.79 4.09 -9.82
C GLN A 75 8.57 3.37 -10.89
N VAL A 76 8.68 3.93 -12.09
CA VAL A 76 9.46 3.24 -13.13
C VAL A 76 10.93 3.17 -12.66
N TRP A 77 11.40 4.31 -12.19
CA TRP A 77 12.80 4.41 -11.73
C TRP A 77 13.04 3.50 -10.50
N ASN A 78 12.12 3.54 -9.55
CA ASN A 78 12.22 2.72 -8.35
C ASN A 78 12.26 1.21 -8.64
N HIS A 79 11.48 0.73 -9.60
CA HIS A 79 11.46 -0.70 -9.91
C HIS A 79 12.46 -1.20 -10.95
N THR A 80 13.26 -0.31 -11.46
CA THR A 80 14.51 -0.66 -12.10
C THR A 80 15.59 -0.74 -11.04
N PHE A 81 15.60 0.21 -10.11
CA PHE A 81 16.58 0.27 -9.04
C PHE A 81 16.46 -0.95 -8.14
N PHE A 82 15.22 -1.36 -7.86
CA PHE A 82 14.95 -2.54 -7.08
C PHE A 82 15.45 -3.84 -7.74
N TRP A 83 15.18 -4.05 -9.02
CA TRP A 83 15.68 -5.26 -9.67
C TRP A 83 17.22 -5.35 -9.65
N ASN A 84 17.87 -4.21 -9.84
CA ASN A 84 19.33 -4.08 -9.78
C ASN A 84 19.86 -4.33 -8.36
N SER A 85 19.05 -4.03 -7.33
CA SER A 85 19.39 -4.30 -5.96
C SER A 85 19.30 -5.78 -5.54
N LEU A 86 18.84 -6.65 -6.45
CA LEU A 86 18.68 -8.08 -6.23
C LEU A 86 19.61 -8.85 -7.16
N LYS A 87 19.92 -10.08 -6.78
CA LYS A 87 20.59 -11.00 -7.66
C LYS A 87 20.34 -12.40 -7.15
N PRO A 88 20.39 -13.39 -8.03
CA PRO A 88 20.42 -14.78 -7.57
C PRO A 88 21.66 -14.99 -6.71
N GLY A 89 21.58 -15.64 -5.54
CA GLY A 89 22.78 -15.83 -4.69
C GLY A 89 23.39 -14.54 -4.20
N GLY A 90 22.49 -13.65 -3.81
CA GLY A 90 22.84 -12.41 -3.11
C GLY A 90 23.07 -12.68 -1.65
N GLY A 91 22.98 -11.64 -0.84
CA GLY A 91 23.17 -11.78 0.59
C GLY A 91 24.64 -11.63 0.92
N GLY A 92 25.03 -12.10 2.11
CA GLY A 92 26.40 -12.02 2.59
C GLY A 92 26.64 -10.62 3.03
N VAL A 93 27.89 -10.30 3.36
CA VAL A 93 28.22 -8.98 3.88
C VAL A 93 28.89 -8.15 2.82
N PRO A 94 28.72 -6.85 2.94
CA PRO A 94 29.44 -5.97 2.04
C PRO A 94 30.93 -5.96 2.37
N THR A 95 31.73 -5.67 1.36
CA THR A 95 33.18 -5.46 1.50
C THR A 95 33.58 -4.09 0.93
N GLY A 96 34.86 -3.78 1.10
CA GLY A 96 35.46 -2.65 0.43
C GLY A 96 34.95 -1.36 1.01
N ASP A 97 34.83 -0.33 0.16
CA ASP A 97 34.45 0.99 0.59
C ASP A 97 33.03 1.03 1.18
N VAL A 98 32.09 0.31 0.56
CA VAL A 98 30.75 0.20 1.13
C VAL A 98 30.79 -0.29 2.59
N ALA A 99 31.50 -1.38 2.84
CA ALA A 99 31.58 -1.93 4.19
C ALA A 99 32.23 -0.97 5.13
N ALA A 100 33.25 -0.26 4.66
CA ALA A 100 33.93 0.68 5.55
C ALA A 100 32.98 1.80 5.94
N ARG A 101 32.27 2.35 4.96
CA ARG A 101 31.35 3.44 5.26
C ARG A 101 30.12 3.03 6.07
N ILE A 102 29.67 1.80 5.91
CA ILE A 102 28.61 1.25 6.73
C ILE A 102 29.11 1.15 8.18
N ASN A 103 30.31 0.60 8.36
CA ASN A 103 30.86 0.54 9.71
C ASN A 103 30.99 1.90 10.36
N SER A 104 31.39 2.93 9.62
CA SER A 104 31.60 4.24 10.21
C SER A 104 30.25 4.93 10.49
N ALA A 105 29.22 4.75 9.64
CA ALA A 105 27.92 5.42 9.93
C ALA A 105 27.07 4.66 10.93
N PHE A 106 27.10 3.32 10.90
CA PHE A 106 26.18 2.46 11.66
C PHE A 106 26.84 1.66 12.80
N GLY A 107 28.15 1.63 12.83
CA GLY A 107 28.92 0.85 13.81
C GLY A 107 29.38 -0.52 13.30
N SER A 108 28.51 -1.16 12.54
CA SER A 108 28.78 -2.51 12.01
C SER A 108 27.76 -2.84 10.95
N TYR A 109 28.01 -3.89 10.19
CA TYR A 109 27.02 -4.38 9.22
C TYR A 109 25.71 -4.84 9.89
N ASP A 110 25.80 -5.63 10.97
CA ASP A 110 24.61 -6.03 11.71
C ASP A 110 23.76 -4.82 12.19
N GLU A 111 24.41 -3.76 12.62
CA GLU A 111 23.66 -2.58 13.06
C GLU A 111 22.96 -1.88 11.88
N PHE A 112 23.64 -1.80 10.73
CA PHE A 112 22.95 -1.40 9.50
C PHE A 112 21.75 -2.29 9.22
N LYS A 113 21.93 -3.61 9.29
CA LYS A 113 20.83 -4.50 8.89
C LYS A 113 19.60 -4.22 9.76
N ALA A 114 19.81 -3.92 11.03
CA ALA A 114 18.70 -3.71 11.95
C ALA A 114 17.97 -2.43 11.62
N GLN A 115 18.72 -1.38 11.35
CA GLN A 115 18.14 -0.11 10.97
C GLN A 115 17.39 -0.21 9.63
N PHE A 116 18.00 -0.84 8.63
CA PHE A 116 17.38 -1.08 7.32
C PHE A 116 16.09 -1.88 7.45
N LYS A 117 16.15 -2.98 8.20
CA LYS A 117 14.97 -3.76 8.45
C LYS A 117 13.89 -2.96 9.20
N ASN A 118 14.25 -2.21 10.23
CA ASN A 118 13.27 -1.40 10.93
C ASN A 118 12.57 -0.41 9.97
N ALA A 119 13.34 0.21 9.11
CA ALA A 119 12.81 1.19 8.15
C ALA A 119 11.78 0.51 7.25
N ALA A 120 12.23 -0.58 6.66
CA ALA A 120 11.36 -1.32 5.75
C ALA A 120 10.10 -1.84 6.46
N ALA A 121 10.23 -2.33 7.69
CA ALA A 121 9.12 -2.92 8.44
C ALA A 121 8.13 -1.87 8.90
N THR A 122 8.60 -0.64 9.14
CA THR A 122 7.76 0.38 9.76
C THR A 122 7.21 1.42 8.82
N GLN A 123 7.54 1.38 7.55
CA GLN A 123 6.88 2.26 6.60
C GLN A 123 5.43 1.76 6.49
N PHE A 124 4.49 2.54 7.03
CA PHE A 124 3.10 2.10 7.13
C PHE A 124 2.39 2.41 5.86
N GLY A 125 1.81 1.42 5.23
CA GLY A 125 1.27 1.54 3.91
C GLY A 125 2.25 1.04 2.88
N SER A 126 2.23 1.71 1.74
CA SER A 126 3.04 1.34 0.61
C SER A 126 4.26 2.21 0.62
N GLY A 127 5.39 1.67 0.15
CA GLY A 127 6.59 2.46 0.11
C GLY A 127 7.86 1.65 -0.09
N TRP A 128 8.99 2.26 0.30
CA TRP A 128 10.34 1.72 0.01
C TRP A 128 11.24 1.98 1.22
N ALA A 129 12.24 1.13 1.44
CA ALA A 129 13.37 1.50 2.27
C ALA A 129 14.66 1.56 1.46
N TRP A 130 15.60 2.36 1.94
CA TRP A 130 16.79 2.75 1.18
C TRP A 130 18.05 2.78 2.05
N LEU A 131 19.18 2.47 1.42
CA LEU A 131 20.49 2.95 1.86
C LEU A 131 20.87 4.09 0.94
N VAL A 132 21.26 5.24 1.51
CA VAL A 132 21.60 6.45 0.75
C VAL A 132 22.87 7.07 1.26
N LEU A 133 23.47 7.84 0.37
CA LEU A 133 24.59 8.74 0.73
C LEU A 133 24.06 10.16 0.84
N GLU A 134 24.23 10.79 1.99
CA GLU A 134 23.82 12.19 2.15
C GLU A 134 24.88 12.96 2.92
N ALA A 135 25.42 14.01 2.30
CA ALA A 135 26.43 14.88 2.90
C ALA A 135 27.59 14.00 3.33
N GLY A 136 27.96 13.08 2.43
CA GLY A 136 29.15 12.27 2.56
C GLY A 136 29.05 11.13 3.56
N THR A 137 27.89 10.97 4.20
CA THR A 137 27.68 9.87 5.15
C THR A 137 26.54 8.98 4.68
N LEU A 138 26.61 7.70 5.04
CA LEU A 138 25.53 6.81 4.75
C LEU A 138 24.42 6.92 5.76
N LYS A 139 23.18 6.77 5.25
CA LYS A 139 21.98 6.82 6.06
C LYS A 139 20.99 5.79 5.58
N VAL A 140 20.17 5.28 6.48
CA VAL A 140 19.00 4.47 6.12
C VAL A 140 17.77 5.38 6.10
N THR A 141 16.94 5.23 5.07
CA THR A 141 15.67 5.98 4.98
C THR A 141 14.51 5.08 4.55
N LYS A 142 13.32 5.61 4.74
CA LYS A 142 12.08 5.04 4.23
C LYS A 142 11.31 6.17 3.56
N THR A 143 10.60 5.81 2.50
CA THR A 143 9.73 6.74 1.75
C THR A 143 8.38 6.12 1.51
N ALA A 144 7.39 7.00 1.35
CA ALA A 144 6.01 6.64 1.07
C ALA A 144 5.73 6.56 -0.41
N ASN A 145 4.98 5.53 -0.78
CA ASN A 145 4.36 5.41 -2.10
C ASN A 145 5.41 5.40 -3.16
N ALA A 146 5.48 6.42 -4.01
CA ALA A 146 6.46 6.51 -5.08
C ALA A 146 7.70 7.29 -4.74
N GLU A 147 7.70 7.98 -3.61
CA GLU A 147 8.84 8.77 -3.22
C GLU A 147 10.11 7.98 -3.04
N ASN A 148 11.20 8.73 -3.10
CA ASN A 148 12.48 8.17 -3.45
C ASN A 148 13.58 9.19 -3.07
N PRO A 149 14.82 8.76 -2.80
CA PRO A 149 15.80 9.71 -2.29
C PRO A 149 16.19 10.79 -3.28
N LEU A 150 15.96 10.62 -4.57
CA LEU A 150 16.26 11.69 -5.52
C LEU A 150 15.56 13.00 -5.20
N VAL A 151 14.44 12.98 -4.50
CA VAL A 151 13.72 14.21 -4.21
C VAL A 151 14.06 14.78 -2.84
N HIS A 152 15.02 14.15 -2.17
CA HIS A 152 15.45 14.53 -0.83
C HIS A 152 16.94 14.85 -0.81
N GLY A 153 17.50 15.16 -1.98
CA GLY A 153 18.90 15.51 -2.08
C GLY A 153 19.82 14.40 -1.60
N GLN A 154 19.42 13.15 -1.83
CA GLN A 154 20.22 11.99 -1.46
C GLN A 154 20.59 11.18 -2.68
N VAL A 155 21.71 10.46 -2.59
CA VAL A 155 22.10 9.50 -3.62
C VAL A 155 21.66 8.10 -3.17
N PRO A 156 20.73 7.49 -3.89
CA PRO A 156 20.29 6.11 -3.57
C PRO A 156 21.38 5.11 -3.86
N LEU A 157 21.55 4.14 -2.98
CA LEU A 157 22.53 3.07 -3.11
C LEU A 157 21.89 1.70 -3.16
N LEU A 158 20.78 1.50 -2.43
CA LEU A 158 20.11 0.20 -2.36
C LEU A 158 18.66 0.47 -2.05
N THR A 159 17.75 -0.34 -2.59
CA THR A 159 16.35 -0.32 -2.14
C THR A 159 15.73 -1.69 -1.92
N ILE A 160 14.69 -1.65 -1.09
CA ILE A 160 13.69 -2.74 -1.04
C ILE A 160 12.28 -2.16 -1.19
N ASP A 161 11.48 -2.74 -2.09
CA ASP A 161 10.08 -2.42 -2.29
C ASP A 161 9.30 -3.06 -1.14
N VAL A 162 8.53 -2.27 -0.39
CA VAL A 162 7.60 -2.83 0.59
C VAL A 162 6.13 -2.54 0.31
N TRP A 163 5.85 -2.21 -0.95
CA TRP A 163 4.47 -2.33 -1.45
C TRP A 163 4.13 -3.79 -1.29
N GLU A 164 2.91 -4.09 -0.84
CA GLU A 164 2.49 -5.48 -0.64
C GLU A 164 2.62 -6.35 -1.86
N HIS A 165 2.44 -5.80 -3.07
CA HIS A 165 2.62 -6.61 -4.28
C HIS A 165 4.04 -7.21 -4.41
N ALA A 166 5.03 -6.57 -3.81
CA ALA A 166 6.40 -7.07 -3.85
C ALA A 166 6.60 -8.44 -3.22
N TYR A 167 5.80 -8.78 -2.23
CA TYR A 167 5.99 -9.92 -1.35
C TYR A 167 4.72 -10.75 -1.05
N TYR A 168 3.52 -10.24 -1.39
CA TYR A 168 2.31 -10.87 -0.93
C TYR A 168 2.16 -12.29 -1.47
N LEU A 169 2.57 -12.59 -2.71
CA LEU A 169 2.37 -13.92 -3.25
C LEU A 169 3.24 -14.95 -2.53
N ASP A 170 4.38 -14.52 -2.01
CA ASP A 170 5.39 -15.38 -1.40
C ASP A 170 5.40 -15.41 0.14
N TYR A 171 4.98 -14.29 0.76
CA TYR A 171 5.06 -14.08 2.22
C TYR A 171 3.73 -13.62 2.83
N GLN A 172 2.70 -13.40 2.02
CA GLN A 172 1.47 -12.75 2.49
C GLN A 172 1.75 -11.61 3.47
N ASN A 173 1.16 -11.66 4.67
CA ASN A 173 1.36 -10.60 5.64
C ASN A 173 2.76 -10.52 6.26
N ARG A 174 3.64 -11.49 5.95
CA ARG A 174 4.94 -11.61 6.66
C ARG A 174 6.03 -10.71 6.06
N ARG A 175 5.78 -9.41 6.12
CA ARG A 175 6.79 -8.46 5.62
C ARG A 175 8.16 -8.63 6.28
N PRO A 176 8.21 -8.79 7.60
CA PRO A 176 9.53 -8.95 8.24
C PRO A 176 10.28 -10.17 7.68
N ASP A 177 9.63 -11.30 7.38
CA ASP A 177 10.32 -12.43 6.82
C ASP A 177 10.83 -12.12 5.41
N PHE A 178 10.03 -11.36 4.67
CA PHE A 178 10.37 -10.93 3.31
C PHE A 178 11.66 -10.10 3.37
N ILE A 179 11.69 -9.16 4.31
CA ILE A 179 12.87 -8.32 4.46
C ILE A 179 14.11 -9.15 4.85
N ASP A 180 13.94 -10.08 5.80
CA ASP A 180 15.06 -10.97 6.18
C ASP A 180 15.58 -11.73 4.94
N ASN A 181 14.66 -12.28 4.13
CA ASN A 181 15.05 -13.06 2.97
C ASN A 181 15.85 -12.20 2.01
N PHE A 182 15.41 -10.94 1.82
CA PHE A 182 16.14 -9.99 0.99
C PHE A 182 17.60 -9.84 1.47
N LEU A 183 17.80 -9.56 2.76
CA LEU A 183 19.15 -9.41 3.29
C LEU A 183 19.94 -10.67 3.25
N ASN A 184 19.26 -11.80 3.42
CA ASN A 184 19.98 -13.09 3.53
C ASN A 184 20.32 -13.76 2.19
N GLN A 185 19.52 -13.54 1.15
CA GLN A 185 19.66 -14.32 -0.07
C GLN A 185 19.69 -13.52 -1.36
N LEU A 186 19.23 -12.26 -1.33
CA LEU A 186 19.01 -11.51 -2.55
C LEU A 186 19.78 -10.19 -2.68
N VAL A 187 20.13 -9.50 -1.60
CA VAL A 187 20.74 -8.17 -1.74
C VAL A 187 22.02 -8.27 -2.60
N ASN A 188 22.18 -7.28 -3.50
CA ASN A 188 23.23 -7.24 -4.50
C ASN A 188 24.25 -6.18 -4.18
N TRP A 189 25.27 -6.55 -3.39
CA TRP A 189 26.27 -5.56 -2.93
C TRP A 189 27.11 -5.01 -4.06
N ASP A 190 27.26 -5.74 -5.15
CA ASP A 190 27.95 -5.24 -6.34
C ASP A 190 27.29 -3.98 -6.89
N PHE A 191 25.95 -3.98 -6.88
CA PHE A 191 25.18 -2.83 -7.34
C PHE A 191 25.42 -1.65 -6.43
N VAL A 192 25.25 -1.86 -5.12
CA VAL A 192 25.56 -0.84 -4.10
C VAL A 192 26.93 -0.20 -4.27
N ALA A 193 27.94 -1.03 -4.53
CA ALA A 193 29.29 -0.57 -4.73
C ALA A 193 29.42 0.31 -5.96
N LYS A 194 28.78 -0.09 -7.04
CA LYS A 194 28.76 0.66 -8.28
C LYS A 194 28.10 2.02 -8.00
N ASN A 195 26.98 2.00 -7.28
CA ASN A 195 26.32 3.25 -6.98
C ASN A 195 27.19 4.19 -6.13
N LEU A 196 27.94 3.63 -5.19
CA LEU A 196 28.69 4.48 -4.25
C LEU A 196 29.89 5.09 -5.00
N ALA A 197 30.52 4.30 -5.85
CA ALA A 197 31.68 4.72 -6.63
C ALA A 197 31.36 5.89 -7.56
N ALA A 198 30.13 5.95 -8.04
CA ALA A 198 29.68 7.02 -8.93
C ALA A 198 29.06 8.21 -8.20
N ALA B 1 -10.15 -6.40 27.06
CA ALA B 1 -9.35 -5.56 26.11
C ALA B 1 -10.21 -5.38 24.85
N PHE B 2 -9.69 -4.74 23.83
CA PHE B 2 -10.37 -4.74 22.53
C PHE B 2 -10.42 -6.18 22.00
N VAL B 3 -11.57 -6.54 21.47
CA VAL B 3 -11.78 -7.85 20.89
C VAL B 3 -12.19 -7.70 19.41
N GLN B 4 -11.58 -8.52 18.56
CA GLN B 4 -11.88 -8.50 17.15
C GLN B 4 -13.34 -8.89 16.99
N GLU B 5 -14.13 -8.04 16.35
CA GLU B 5 -15.53 -8.40 16.09
C GLU B 5 -15.57 -9.63 15.17
N PRO B 6 -16.37 -10.66 15.48
CA PRO B 6 -16.51 -11.76 14.54
C PRO B 6 -16.95 -11.29 13.15
N LEU B 7 -16.43 -12.00 12.17
CA LEU B 7 -16.88 -11.85 10.81
C LEU B 7 -18.40 -12.04 10.74
N PRO B 8 -19.12 -11.22 9.98
CA PRO B 8 -20.59 -11.36 9.87
C PRO B 8 -21.10 -12.49 8.98
N PHE B 9 -20.19 -13.32 8.49
CA PHE B 9 -20.53 -14.49 7.65
C PHE B 9 -19.40 -15.50 7.84
N ASP B 10 -19.63 -16.75 7.46
CA ASP B 10 -18.56 -17.73 7.48
C ASP B 10 -17.44 -17.24 6.58
N PRO B 11 -16.17 -17.45 6.93
CA PRO B 11 -15.05 -16.95 6.10
C PRO B 11 -14.91 -17.54 4.71
N GLY B 12 -15.63 -18.64 4.44
CA GLY B 12 -15.66 -19.24 3.10
C GLY B 12 -16.87 -18.82 2.27
N ALA B 13 -17.76 -18.03 2.85
CA ALA B 13 -19.06 -17.78 2.23
C ALA B 13 -18.99 -16.79 1.06
N LEU B 14 -17.90 -16.03 0.95
CA LEU B 14 -17.76 -15.10 -0.17
C LEU B 14 -17.10 -15.72 -1.38
N GLU B 15 -16.65 -16.96 -1.25
CA GLU B 15 -15.90 -17.57 -2.34
C GLU B 15 -16.65 -17.59 -3.69
N PRO B 16 -17.95 -17.93 -3.72
CA PRO B 16 -18.69 -17.88 -4.99
C PRO B 16 -18.95 -16.46 -5.49
N TYR B 17 -18.67 -15.48 -4.64
CA TYR B 17 -18.94 -14.06 -4.90
C TYR B 17 -17.65 -13.24 -5.07
N GLY B 18 -16.52 -13.91 -5.37
CA GLY B 18 -15.32 -13.18 -5.76
C GLY B 18 -14.36 -12.82 -4.66
N MET B 19 -14.54 -13.34 -3.46
CA MET B 19 -13.53 -13.11 -2.38
C MET B 19 -13.22 -14.46 -1.73
N SER B 20 -12.00 -14.94 -1.90
CA SER B 20 -11.67 -16.32 -1.52
C SER B 20 -11.57 -16.52 -0.01
N ALA B 21 -11.75 -17.75 0.40
CA ALA B 21 -11.54 -18.19 1.76
C ALA B 21 -10.11 -17.85 2.22
N LYS B 22 -9.15 -18.11 1.36
CA LYS B 22 -7.76 -17.79 1.66
C LYS B 22 -7.64 -16.29 1.98
N THR B 23 -8.30 -15.45 1.18
CA THR B 23 -8.22 -14.01 1.42
C THR B 23 -8.76 -13.71 2.84
N LEU B 24 -9.92 -14.27 3.19
CA LEU B 24 -10.45 -14.04 4.52
C LEU B 24 -9.51 -14.53 5.61
N GLU B 25 -8.90 -15.69 5.42
CA GLU B 25 -7.95 -16.23 6.38
C GLU B 25 -6.84 -15.23 6.67
N PHE B 26 -6.23 -14.70 5.61
CA PHE B 26 -5.13 -13.76 5.81
C PHE B 26 -5.62 -12.39 6.22
N HIS B 27 -6.66 -11.91 5.58
CA HIS B 27 -7.08 -10.53 5.79
C HIS B 27 -7.74 -10.37 7.16
N TYR B 28 -8.65 -11.25 7.48
CA TYR B 28 -9.32 -11.23 8.77
C TYR B 28 -8.40 -11.88 9.88
N GLY B 29 -7.88 -13.05 9.56
CA GLY B 29 -7.19 -13.92 10.55
C GLY B 29 -5.87 -13.34 10.98
N LYS B 30 -5.16 -12.69 10.05
CA LYS B 30 -3.83 -12.14 10.32
C LYS B 30 -3.80 -10.62 10.33
N HIS B 31 -4.20 -9.96 9.25
CA HIS B 31 -4.05 -8.50 9.22
C HIS B 31 -4.93 -7.84 10.27
N HIS B 32 -6.21 -8.10 10.24
CA HIS B 32 -7.13 -7.46 11.15
C HIS B 32 -6.81 -7.78 12.61
N LYS B 33 -6.55 -9.03 12.88
CA LYS B 33 -6.21 -9.43 14.24
C LYS B 33 -4.94 -8.77 14.71
N GLY B 34 -3.99 -8.60 13.79
CA GLY B 34 -2.75 -7.93 14.05
C GLY B 34 -2.99 -6.52 14.52
N TYR B 35 -3.88 -5.83 13.87
CA TYR B 35 -4.15 -4.45 14.28
C TYR B 35 -4.77 -4.38 15.68
N VAL B 36 -5.64 -5.32 15.97
CA VAL B 36 -6.24 -5.43 17.30
C VAL B 36 -5.15 -5.68 18.33
N ASP B 37 -4.24 -6.60 18.02
CA ASP B 37 -3.16 -6.97 18.92
C ASP B 37 -2.29 -5.77 19.21
N ASN B 38 -1.88 -5.04 18.14
CA ASN B 38 -1.15 -3.79 18.32
C ASN B 38 -1.88 -2.71 19.03
N LEU B 39 -3.17 -2.56 18.74
CA LEU B 39 -3.98 -1.57 19.45
C LEU B 39 -3.96 -1.92 20.96
N ASN B 40 -4.16 -3.18 21.30
CA ASN B 40 -4.22 -3.63 22.70
C ASN B 40 -2.85 -3.42 23.40
N LYS B 41 -1.76 -3.72 22.71
CA LYS B 41 -0.41 -3.48 23.25
C LYS B 41 -0.22 -2.02 23.67
N LEU B 42 -0.69 -1.13 22.82
CA LEU B 42 -0.44 0.30 22.96
C LEU B 42 -1.50 0.99 23.83
N THR B 43 -2.59 0.31 24.16
CA THR B 43 -3.63 1.00 24.94
C THR B 43 -4.00 0.38 26.25
N GLN B 44 -3.74 -0.91 26.43
CA GLN B 44 -4.21 -1.53 27.65
C GLN B 44 -3.50 -1.01 28.89
N ASP B 45 -2.36 -0.38 28.68
CA ASP B 45 -1.68 0.40 29.71
C ASP B 45 -2.45 1.63 30.30
N THR B 46 -3.49 2.11 29.61
CA THR B 46 -3.82 3.55 29.60
C THR B 46 -5.27 3.99 29.74
N GLU B 47 -5.42 5.31 29.73
CA GLU B 47 -6.71 6.00 29.62
C GLU B 47 -7.60 5.51 28.47
N LEU B 48 -6.99 5.06 27.39
CA LEU B 48 -7.75 4.75 26.19
C LEU B 48 -8.21 3.30 26.17
N ALA B 49 -7.89 2.55 27.21
CA ALA B 49 -8.28 1.13 27.23
C ALA B 49 -9.82 0.95 27.17
N ASP B 50 -10.62 1.86 27.73
CA ASP B 50 -12.07 1.65 27.81
C ASP B 50 -12.87 2.39 26.75
N LYS B 51 -12.17 2.97 25.79
CA LYS B 51 -12.78 3.91 24.88
C LYS B 51 -13.25 3.12 23.67
N SER B 52 -14.35 3.53 23.09
CA SER B 52 -14.75 3.03 21.77
C SER B 52 -13.66 3.34 20.76
N LEU B 53 -13.56 2.51 19.74
CA LEU B 53 -12.62 2.72 18.65
C LEU B 53 -12.83 4.11 18.10
N GLU B 54 -14.09 4.49 17.93
CA GLU B 54 -14.37 5.80 17.35
C GLU B 54 -13.76 6.93 18.20
N ASP B 55 -13.85 6.79 19.50
CA ASP B 55 -13.27 7.81 20.39
C ASP B 55 -11.74 7.82 20.41
N VAL B 56 -11.10 6.66 20.38
CA VAL B 56 -9.64 6.55 20.27
C VAL B 56 -9.18 7.24 18.98
N ILE B 57 -9.87 6.94 17.87
CA ILE B 57 -9.52 7.47 16.56
C ILE B 57 -9.59 8.98 16.56
N ARG B 58 -10.71 9.54 17.01
CA ARG B 58 -10.83 10.98 17.05
C ARG B 58 -9.88 11.67 18.04
N THR B 59 -9.59 11.01 19.15
CA THR B 59 -8.73 11.60 20.18
C THR B 59 -7.28 11.62 19.76
N THR B 60 -6.84 10.57 19.08
CA THR B 60 -5.44 10.45 18.70
C THR B 60 -5.11 10.97 17.31
N TYR B 61 -6.12 11.28 16.51
CA TYR B 61 -5.88 11.96 15.22
C TYR B 61 -5.04 13.23 15.41
N GLY B 62 -3.92 13.28 14.69
CA GLY B 62 -3.07 14.46 14.73
C GLY B 62 -2.11 14.59 15.89
N ASP B 63 -2.14 13.63 16.82
CA ASP B 63 -1.32 13.67 18.03
C ASP B 63 -0.01 13.03 17.66
N ALA B 64 1.06 13.81 17.64
CA ALA B 64 2.37 13.35 17.16
C ALA B 64 2.95 12.20 17.97
N ALA B 65 2.45 12.00 19.19
CA ALA B 65 2.95 10.95 20.09
C ALA B 65 2.17 9.69 19.99
N LYS B 66 1.00 9.74 19.33
CA LYS B 66 0.07 8.62 19.31
C LYS B 66 -0.26 8.10 17.91
N VAL B 67 0.67 8.23 16.95
CA VAL B 67 0.40 7.77 15.58
C VAL B 67 0.12 6.27 15.57
N GLY B 68 0.91 5.52 16.31
CA GLY B 68 0.73 4.05 16.38
C GLY B 68 -0.67 3.65 16.85
N ILE B 69 -1.14 4.26 17.92
CA ILE B 69 -2.48 4.01 18.40
C ILE B 69 -3.51 4.45 17.35
N PHE B 70 -3.35 5.63 16.76
CA PHE B 70 -4.27 6.07 15.72
C PHE B 70 -4.37 5.06 14.58
N ASN B 71 -3.23 4.65 14.05
CA ASN B 71 -3.19 3.85 12.85
C ASN B 71 -3.81 2.53 13.15
N ASN B 72 -3.49 1.97 14.31
CA ASN B 72 -4.05 0.66 14.65
C ASN B 72 -5.55 0.74 14.93
N ALA B 73 -6.00 1.72 15.69
CA ALA B 73 -7.39 1.83 16.01
C ALA B 73 -8.18 2.10 14.77
N ALA B 74 -7.69 3.02 13.94
CA ALA B 74 -8.34 3.33 12.68
C ALA B 74 -8.46 2.04 11.82
N GLN B 75 -7.38 1.27 11.71
CA GLN B 75 -7.45 0.01 10.93
C GLN B 75 -8.33 -1.05 11.53
N VAL B 76 -8.40 -1.16 12.86
CA VAL B 76 -9.37 -2.08 13.46
C VAL B 76 -10.80 -1.67 13.07
N TRP B 77 -11.09 -0.38 13.12
CA TRP B 77 -12.44 0.12 12.88
C TRP B 77 -12.76 -0.05 11.39
N ASN B 78 -11.77 0.27 10.54
CA ASN B 78 -11.94 0.21 9.09
C ASN B 78 -12.22 -1.21 8.62
N HIS B 79 -11.52 -2.20 9.18
CA HIS B 79 -11.74 -3.57 8.75
C HIS B 79 -13.12 -4.08 9.15
N THR B 80 -13.53 -3.81 10.38
CA THR B 80 -14.85 -4.15 10.81
C THR B 80 -15.92 -3.53 9.90
N PHE B 81 -15.76 -2.26 9.57
CA PHE B 81 -16.65 -1.56 8.67
C PHE B 81 -16.67 -2.23 7.27
N PHE B 82 -15.52 -2.71 6.82
CA PHE B 82 -15.41 -3.41 5.55
C PHE B 82 -16.12 -4.72 5.55
N TRP B 83 -15.94 -5.55 6.57
CA TRP B 83 -16.60 -6.86 6.56
C TRP B 83 -18.13 -6.66 6.52
N ASN B 84 -18.63 -5.67 7.23
CA ASN B 84 -20.05 -5.35 7.27
C ASN B 84 -20.52 -4.79 5.95
N SER B 85 -19.61 -4.20 5.16
CA SER B 85 -19.92 -3.70 3.84
C SER B 85 -20.08 -4.80 2.82
N LEU B 86 -19.79 -6.03 3.21
CA LEU B 86 -19.85 -7.17 2.35
C LEU B 86 -20.95 -8.10 2.80
N LYS B 87 -21.50 -8.86 1.85
CA LYS B 87 -22.27 -10.06 2.16
C LYS B 87 -22.20 -11.09 1.05
N PRO B 88 -22.43 -12.34 1.37
CA PRO B 88 -22.68 -13.30 0.30
C PRO B 88 -23.92 -12.86 -0.46
N GLY B 89 -23.85 -12.87 -1.78
CA GLY B 89 -25.00 -12.48 -2.55
C GLY B 89 -25.36 -11.03 -2.40
N GLY B 90 -24.34 -10.17 -2.31
CA GLY B 90 -24.53 -8.74 -2.37
C GLY B 90 -24.72 -8.26 -3.78
N GLY B 91 -24.36 -6.99 -4.01
CA GLY B 91 -24.57 -6.41 -5.32
C GLY B 91 -25.99 -5.88 -5.48
N GLY B 92 -26.47 -5.83 -6.72
CA GLY B 92 -27.73 -5.20 -7.01
C GLY B 92 -27.76 -3.72 -6.73
N VAL B 93 -28.96 -3.14 -6.78
CA VAL B 93 -29.11 -1.71 -6.63
C VAL B 93 -29.67 -1.36 -5.25
N PRO B 94 -29.29 -0.21 -4.74
CA PRO B 94 -29.88 0.26 -3.52
C PRO B 94 -31.33 0.67 -3.79
N THR B 95 -32.10 0.67 -2.72
CA THR B 95 -33.51 1.08 -2.71
C THR B 95 -33.79 2.08 -1.59
N GLY B 96 -35.01 2.56 -1.50
CA GLY B 96 -35.38 3.36 -0.35
C GLY B 96 -34.67 4.70 -0.28
N ASP B 97 -34.40 5.13 0.96
CA ASP B 97 -33.74 6.39 1.20
C ASP B 97 -32.29 6.44 0.71
N VAL B 98 -31.54 5.35 0.85
CA VAL B 98 -30.22 5.29 0.27
C VAL B 98 -30.28 5.60 -1.24
N ALA B 99 -31.17 4.93 -1.94
CA ALA B 99 -31.29 5.15 -3.39
C ALA B 99 -31.70 6.54 -3.73
N ALA B 100 -32.63 7.12 -2.99
CA ALA B 100 -33.07 8.47 -3.32
C ALA B 100 -31.98 9.49 -3.16
N ARG B 101 -31.19 9.31 -2.10
CA ARG B 101 -30.11 10.23 -1.76
C ARG B 101 -28.90 10.11 -2.69
N ILE B 102 -28.69 8.92 -3.20
CA ILE B 102 -27.69 8.68 -4.26
C ILE B 102 -28.16 9.37 -5.54
N ASN B 103 -29.43 9.21 -5.89
CA ASN B 103 -29.94 9.88 -7.07
C ASN B 103 -29.81 11.39 -6.98
N SER B 104 -30.14 11.94 -5.82
CA SER B 104 -30.02 13.39 -5.58
C SER B 104 -28.58 13.89 -5.78
N ALA B 105 -27.60 13.12 -5.33
CA ALA B 105 -26.23 13.61 -5.30
C ALA B 105 -25.46 13.32 -6.57
N PHE B 106 -25.63 12.11 -7.07
CA PHE B 106 -24.90 11.58 -8.21
C PHE B 106 -25.70 11.57 -9.51
N GLY B 107 -27.02 11.78 -9.43
CA GLY B 107 -27.90 11.68 -10.58
C GLY B 107 -28.53 10.31 -10.85
N SER B 108 -27.79 9.26 -10.59
CA SER B 108 -28.26 7.91 -10.75
C SER B 108 -27.31 7.00 -9.98
N TYR B 109 -27.72 5.74 -9.79
CA TYR B 109 -26.88 4.75 -9.18
C TYR B 109 -25.67 4.44 -10.08
N ASP B 110 -25.87 4.36 -11.39
CA ASP B 110 -24.70 4.08 -12.27
C ASP B 110 -23.63 5.21 -12.15
N GLU B 111 -24.06 6.45 -11.96
CA GLU B 111 -23.10 7.54 -11.81
C GLU B 111 -22.35 7.45 -10.46
N PHE B 112 -23.06 7.08 -9.40
CA PHE B 112 -22.42 6.75 -8.15
C PHE B 112 -21.36 5.67 -8.40
N LYS B 113 -21.70 4.63 -9.14
CA LYS B 113 -20.79 3.51 -9.31
C LYS B 113 -19.53 4.02 -9.98
N ALA B 114 -19.66 4.85 -11.00
CA ALA B 114 -18.50 5.47 -11.65
C ALA B 114 -17.62 6.26 -10.68
N GLN B 115 -18.23 7.11 -9.88
CA GLN B 115 -17.52 7.96 -8.95
C GLN B 115 -16.84 7.12 -7.84
N PHE B 116 -17.56 6.14 -7.30
CA PHE B 116 -16.98 5.25 -6.29
C PHE B 116 -15.79 4.49 -6.86
N LYS B 117 -15.94 3.90 -8.04
CA LYS B 117 -14.88 3.13 -8.67
C LYS B 117 -13.69 4.03 -8.96
N ASN B 118 -13.93 5.22 -9.49
CA ASN B 118 -12.81 6.12 -9.74
C ASN B 118 -11.99 6.37 -8.46
N ALA B 119 -12.68 6.62 -7.37
CA ALA B 119 -12.03 6.88 -6.10
C ALA B 119 -11.23 5.68 -5.65
N ALA B 120 -11.85 4.52 -5.69
CA ALA B 120 -11.17 3.31 -5.25
C ALA B 120 -9.98 3.02 -6.17
N ALA B 121 -10.10 3.32 -7.45
CA ALA B 121 -9.07 2.92 -8.41
C ALA B 121 -7.87 3.87 -8.37
N THR B 122 -8.11 5.13 -7.99
CA THR B 122 -7.07 6.17 -8.08
C THR B 122 -6.43 6.53 -6.76
N GLN B 123 -6.86 5.94 -5.65
CA GLN B 123 -6.10 6.10 -4.40
C GLN B 123 -4.77 5.38 -4.62
N PHE B 124 -3.72 6.17 -4.71
CA PHE B 124 -2.40 5.67 -5.08
C PHE B 124 -1.73 5.20 -3.82
N GLY B 125 -1.23 3.96 -3.82
CA GLY B 125 -0.74 3.40 -2.57
C GLY B 125 -1.84 2.63 -1.85
N SER B 126 -1.75 2.65 -0.53
CA SER B 126 -2.67 1.92 0.31
C SER B 126 -3.74 2.91 0.74
N GLY B 127 -4.97 2.43 0.85
CA GLY B 127 -6.04 3.22 1.45
C GLY B 127 -7.39 2.56 1.22
N TRP B 128 -8.40 3.40 1.18
CA TRP B 128 -9.84 3.07 1.26
C TRP B 128 -10.63 4.02 0.39
N ALA B 129 -11.76 3.54 -0.15
CA ALA B 129 -12.79 4.42 -0.72
C ALA B 129 -14.12 4.30 0.06
N TRP B 130 -14.93 5.36 0.02
CA TRP B 130 -16.08 5.47 0.92
C TRP B 130 -17.24 6.10 0.21
N LEU B 131 -18.45 5.74 0.67
CA LEU B 131 -19.64 6.57 0.49
C LEU B 131 -19.86 7.20 1.86
N VAL B 132 -20.07 8.52 1.88
CA VAL B 132 -20.28 9.23 3.12
C VAL B 132 -21.44 10.20 3.01
N LEU B 133 -21.94 10.53 4.17
CA LEU B 133 -22.87 11.63 4.32
C LEU B 133 -22.11 12.78 4.97
N GLU B 134 -22.29 13.96 4.42
CA GLU B 134 -21.71 15.18 4.98
C GLU B 134 -22.52 16.41 4.57
N ALA B 135 -22.82 17.28 5.53
CA ALA B 135 -23.60 18.50 5.27
C ALA B 135 -24.86 18.17 4.45
N GLY B 136 -25.51 17.09 4.85
CA GLY B 136 -26.80 16.68 4.32
C GLY B 136 -26.81 15.97 2.97
N THR B 137 -25.66 15.86 2.29
CA THR B 137 -25.62 15.19 0.98
C THR B 137 -24.61 14.06 0.96
N LEU B 138 -24.80 13.11 0.06
CA LEU B 138 -23.84 12.06 -0.12
C LEU B 138 -22.73 12.40 -1.05
N LYS B 139 -21.58 11.75 -0.83
CA LYS B 139 -20.46 11.88 -1.77
C LYS B 139 -19.55 10.70 -1.60
N VAL B 140 -18.69 10.53 -2.58
CA VAL B 140 -17.62 9.56 -2.51
C VAL B 140 -16.32 10.23 -2.09
N THR B 141 -15.56 9.53 -1.27
CA THR B 141 -14.24 9.99 -0.86
C THR B 141 -13.29 8.82 -0.97
N LYS B 142 -12.01 9.17 -0.93
CA LYS B 142 -10.95 8.19 -0.77
C LYS B 142 -9.98 8.71 0.28
N THR B 143 -9.37 7.79 1.00
CA THR B 143 -8.43 8.13 2.05
C THR B 143 -7.21 7.23 1.91
N ALA B 144 -6.13 7.74 2.46
CA ALA B 144 -4.84 7.09 2.51
C ALA B 144 -4.61 6.28 3.78
N ASN B 145 -3.96 5.13 3.60
CA ASN B 145 -3.45 4.32 4.71
C ASN B 145 -4.58 3.99 5.66
N ALA B 146 -4.58 4.52 6.89
CA ALA B 146 -5.61 4.17 7.87
C ALA B 146 -6.66 5.25 8.02
N GLU B 147 -6.48 6.37 7.37
CA GLU B 147 -7.48 7.42 7.49
C GLU B 147 -8.87 6.99 7.01
N ASN B 148 -9.89 7.64 7.61
CA ASN B 148 -11.25 7.30 7.32
C ASN B 148 -12.11 8.52 7.53
N PRO B 149 -13.38 8.46 7.16
CA PRO B 149 -14.21 9.68 7.22
C PRO B 149 -14.48 10.20 8.62
N LEU B 150 -14.24 9.43 9.66
CA LEU B 150 -14.49 9.88 11.02
C LEU B 150 -13.63 11.07 11.39
N VAL B 151 -12.45 11.20 10.80
CA VAL B 151 -11.57 12.33 11.14
C VAL B 151 -11.75 13.50 10.20
N HIS B 152 -12.73 13.41 9.31
CA HIS B 152 -13.09 14.48 8.38
C HIS B 152 -14.52 15.00 8.55
N GLY B 153 -15.09 14.81 9.73
CA GLY B 153 -16.44 15.27 9.99
C GLY B 153 -17.49 14.77 9.02
N GLN B 154 -17.33 13.50 8.65
CA GLN B 154 -18.24 12.81 7.73
C GLN B 154 -18.74 11.55 8.38
N VAL B 155 -19.94 11.13 7.99
CA VAL B 155 -20.54 9.90 8.49
C VAL B 155 -20.30 8.85 7.43
N PRO B 156 -19.50 7.83 7.74
CA PRO B 156 -19.25 6.78 6.74
C PRO B 156 -20.46 5.85 6.57
N LEU B 157 -20.78 5.51 5.34
CA LEU B 157 -21.88 4.61 4.98
C LEU B 157 -21.45 3.25 4.41
N LEU B 158 -20.36 3.23 3.64
CA LEU B 158 -19.87 2.07 2.92
C LEU B 158 -18.39 2.26 2.68
N THR B 159 -17.64 1.15 2.64
CA THR B 159 -16.22 1.24 2.26
C THR B 159 -15.80 0.04 1.43
N ILE B 160 -14.74 0.28 0.66
CA ILE B 160 -13.92 -0.82 0.08
C ILE B 160 -12.44 -0.60 0.49
N ASP B 161 -11.79 -1.68 0.96
CA ASP B 161 -10.37 -1.68 1.26
C ASP B 161 -9.60 -1.85 -0.04
N VAL B 162 -8.74 -0.88 -0.33
CA VAL B 162 -7.87 -0.96 -1.54
C VAL B 162 -6.37 -1.08 -1.21
N TRP B 163 -6.08 -1.42 0.05
CA TRP B 163 -4.77 -2.02 0.35
C TRP B 163 -4.64 -3.28 -0.49
N GLU B 164 -3.45 -3.52 -1.01
CA GLU B 164 -3.23 -4.63 -1.91
C GLU B 164 -3.55 -5.96 -1.25
N HIS B 165 -3.30 -6.12 0.04
CA HIS B 165 -3.70 -7.39 0.68
C HIS B 165 -5.21 -7.76 0.58
N ALA B 166 -6.06 -6.77 0.39
CA ALA B 166 -7.49 -7.02 0.29
C ALA B 166 -7.86 -7.82 -0.94
N TYR B 167 -7.04 -7.69 -1.98
CA TYR B 167 -7.36 -8.25 -3.28
C TYR B 167 -6.27 -9.06 -3.95
N TYR B 168 -5.05 -9.05 -3.44
CA TYR B 168 -3.93 -9.48 -4.27
C TYR B 168 -4.00 -11.00 -4.50
N LEU B 169 -4.48 -11.78 -3.53
CA LEU B 169 -4.51 -13.25 -3.70
C LEU B 169 -5.54 -13.67 -4.75
N ASP B 170 -6.57 -12.83 -4.95
CA ASP B 170 -7.65 -13.13 -5.90
C ASP B 170 -7.61 -12.41 -7.25
N TYR B 171 -7.01 -11.20 -7.30
CA TYR B 171 -6.95 -10.37 -8.49
C TYR B 171 -5.57 -9.86 -8.85
N GLN B 172 -4.57 -10.16 -8.02
CA GLN B 172 -3.23 -9.59 -8.18
C GLN B 172 -3.30 -8.09 -8.48
N ASN B 173 -2.68 -7.63 -9.56
CA ASN B 173 -2.68 -6.21 -9.92
C ASN B 173 -4.02 -5.62 -10.36
N ARG B 174 -5.02 -6.49 -10.59
CA ARG B 174 -6.29 -6.07 -11.20
C ARG B 174 -7.25 -5.39 -10.21
N ARG B 175 -6.83 -4.27 -9.62
CA ARG B 175 -7.72 -3.55 -8.70
C ARG B 175 -9.09 -3.16 -9.32
N PRO B 176 -9.11 -2.61 -10.52
CA PRO B 176 -10.42 -2.31 -11.14
C PRO B 176 -11.38 -3.50 -11.19
N ASP B 177 -10.89 -4.68 -11.51
CA ASP B 177 -11.73 -5.87 -11.50
C ASP B 177 -12.25 -6.21 -10.08
N PHE B 178 -11.38 -6.08 -9.10
CA PHE B 178 -11.74 -6.24 -7.71
C PHE B 178 -12.86 -5.29 -7.35
N ILE B 179 -12.74 -4.03 -7.75
CA ILE B 179 -13.77 -3.05 -7.41
C ILE B 179 -15.09 -3.37 -8.10
N ASP B 180 -15.04 -3.81 -9.36
CA ASP B 180 -16.24 -4.21 -10.09
C ASP B 180 -16.86 -5.41 -9.38
N ASN B 181 -16.04 -6.39 -9.00
CA ASN B 181 -16.58 -7.55 -8.31
C ASN B 181 -17.32 -7.14 -6.99
N PHE B 182 -16.74 -6.22 -6.26
CA PHE B 182 -17.35 -5.75 -5.03
C PHE B 182 -18.74 -5.19 -5.34
N LEU B 183 -18.83 -4.27 -6.29
CA LEU B 183 -20.13 -3.67 -6.64
C LEU B 183 -21.11 -4.70 -7.21
N ASN B 184 -20.64 -5.68 -7.95
CA ASN B 184 -21.55 -6.62 -8.59
C ASN B 184 -22.03 -7.80 -7.74
N GLN B 185 -21.22 -8.22 -6.77
CA GLN B 185 -21.48 -9.46 -6.04
C GLN B 185 -21.40 -9.33 -4.53
N LEU B 186 -20.81 -8.25 -4.00
CA LEU B 186 -20.52 -8.16 -2.54
C LEU B 186 -21.11 -7.00 -1.74
N VAL B 187 -21.34 -5.85 -2.35
CA VAL B 187 -21.76 -4.70 -1.56
C VAL B 187 -23.04 -4.99 -0.82
N ASN B 188 -23.07 -4.56 0.43
CA ASN B 188 -24.17 -4.85 1.34
C ASN B 188 -25.03 -3.65 1.57
N TRP B 189 -26.03 -3.44 0.71
CA TRP B 189 -26.86 -2.24 0.81
C TRP B 189 -27.62 -2.13 2.11
N ASP B 190 -27.92 -3.25 2.75
CA ASP B 190 -28.59 -3.22 4.05
C ASP B 190 -27.76 -2.51 5.10
N PHE B 191 -26.45 -2.77 5.08
CA PHE B 191 -25.56 -2.09 6.02
C PHE B 191 -25.56 -0.59 5.77
N VAL B 192 -25.47 -0.21 4.51
CA VAL B 192 -25.51 1.19 4.10
C VAL B 192 -26.77 1.86 4.61
N ALA B 193 -27.91 1.21 4.46
CA ALA B 193 -29.18 1.75 4.90
C ALA B 193 -29.22 1.93 6.43
N LYS B 194 -28.67 0.95 7.15
CA LYS B 194 -28.57 1.03 8.60
C LYS B 194 -27.72 2.24 8.95
N ASN B 195 -26.56 2.35 8.32
CA ASN B 195 -25.66 3.46 8.66
C ASN B 195 -26.32 4.82 8.39
N LEU B 196 -27.04 4.92 7.29
CA LEU B 196 -27.74 6.16 6.94
C LEU B 196 -28.88 6.50 7.90
N ALA B 197 -29.66 5.50 8.28
CA ALA B 197 -30.78 5.74 9.18
C ALA B 197 -30.31 6.20 10.57
N ALA B 198 -29.12 5.77 10.97
CA ALA B 198 -28.54 6.20 12.27
C ALA B 198 -27.82 7.54 12.17
#